data_9IIW
#
_entry.id   9IIW
#
_cell.length_a   1.00
_cell.length_b   1.00
_cell.length_c   1.00
_cell.angle_alpha   90.00
_cell.angle_beta   90.00
_cell.angle_gamma   90.00
#
_symmetry.space_group_name_H-M   'P 1'
#
loop_
_entity.id
_entity.type
_entity.pdbx_description
1 polymer 'Taste receptor type 2 member 14'
2 non-polymer 4-methyl-N-[(2M)-2-(1H-tetrazol-5-yl)phenyl]-6-(trifluoromethyl)pyrimidin-2-amine
#
_entity_poly.entity_id   1
_entity_poly.type   'polypeptide(L)'
_entity_poly.pdbx_seq_one_letter_code
;MGGVIKSIFTFVLIVEFIIGNLGNSFIALVNCIDWVKGRKISSVDRILTALAISRISLVWLIFGSWCVSVFFPALFATEK
MFRMLTNIWTVINHFSVWLATGLGTFYFLKIANFSNSIFLYLKWRVKKVVLVLLLVTSVFLFLNIALINIHINASINGYR
RNKTCSSDSSNFTRFSSLIVLTSTVFIFIPFTLSLAMFLLLIFSMWKHRKKMQHTVKISGDASTKAHRGVKSVITFFLLY
AIFSLSFFISVWTSERLEENLIILSQVMGMAYPSCHSCVLILGNKKLRQASLSVLLWLRYMFKDGEPSGHKEFRESS
;
_entity_poly.pdbx_strand_id   R
#
loop_
_chem_comp.id
_chem_comp.type
_chem_comp.name
_chem_comp.formula
A1AEI non-polymer 4-methyl-N-[(2M)-2-(1H-tetrazol-5-yl)phenyl]-6-(trifluoromethyl)pyrimidin-2-amine 'C13 H10 F3 N7'
#
# COMPACT_ATOMS: atom_id res chain seq x y z
N MET A 1 7.95 -27.60 -16.39
CA MET A 1 6.88 -26.84 -15.68
C MET A 1 7.44 -25.56 -15.07
N GLY A 2 8.74 -25.56 -14.80
CA GLY A 2 9.36 -24.36 -14.24
C GLY A 2 9.37 -23.20 -15.20
N GLY A 3 9.63 -23.46 -16.48
CA GLY A 3 9.75 -22.39 -17.44
C GLY A 3 8.46 -21.62 -17.64
N VAL A 4 7.34 -22.34 -17.79
CA VAL A 4 6.06 -21.68 -18.00
C VAL A 4 5.67 -20.86 -16.78
N ILE A 5 5.88 -21.41 -15.58
CA ILE A 5 5.57 -20.67 -14.35
C ILE A 5 6.42 -19.42 -14.28
N LYS A 6 7.71 -19.53 -14.59
CA LYS A 6 8.60 -18.37 -14.54
C LYS A 6 8.17 -17.31 -15.54
N SER A 7 7.81 -17.72 -16.76
CA SER A 7 7.37 -16.75 -17.76
C SER A 7 6.08 -16.06 -17.34
N ILE A 8 5.13 -16.81 -16.79
CA ILE A 8 3.88 -16.21 -16.33
C ILE A 8 4.14 -15.23 -15.21
N PHE A 9 5.00 -15.61 -14.26
CA PHE A 9 5.34 -14.71 -13.16
C PHE A 9 6.00 -13.44 -13.67
N THR A 10 6.91 -13.58 -14.64
CA THR A 10 7.56 -12.40 -15.20
C THR A 10 6.56 -11.49 -15.89
N PHE A 11 5.62 -12.06 -16.65
CA PHE A 11 4.63 -11.24 -17.34
C PHE A 11 3.72 -10.52 -16.35
N VAL A 12 3.26 -11.23 -15.32
CA VAL A 12 2.39 -10.58 -14.34
C VAL A 12 3.17 -9.49 -13.59
N LEU A 13 4.45 -9.73 -13.30
CA LEU A 13 5.26 -8.71 -12.65
C LEU A 13 5.42 -7.49 -13.55
N ILE A 14 5.61 -7.70 -14.85
CA ILE A 14 5.77 -6.58 -15.78
C ILE A 14 4.49 -5.75 -15.82
N VAL A 15 3.34 -6.41 -15.90
CA VAL A 15 2.08 -5.67 -15.96
C VAL A 15 1.83 -4.95 -14.64
N GLU A 16 2.18 -5.59 -13.51
CA GLU A 16 2.07 -4.90 -12.23
C GLU A 16 2.95 -3.65 -12.20
N PHE A 17 4.19 -3.78 -12.67
CA PHE A 17 5.10 -2.65 -12.70
C PHE A 17 4.52 -1.50 -13.52
N ILE A 18 4.09 -1.79 -14.75
CA ILE A 18 3.62 -0.72 -15.61
C ILE A 18 2.34 -0.09 -15.06
N ILE A 19 1.40 -0.91 -14.58
CA ILE A 19 0.14 -0.36 -14.09
C ILE A 19 0.37 0.50 -12.84
N GLY A 20 1.19 0.01 -11.90
CA GLY A 20 1.49 0.80 -10.73
C GLY A 20 2.22 2.08 -11.06
N ASN A 21 3.20 2.00 -11.96
CA ASN A 21 3.93 3.20 -12.37
C ASN A 21 2.98 4.22 -12.95
N LEU A 22 2.14 3.83 -13.90
CA LEU A 22 1.25 4.79 -14.53
C LEU A 22 0.24 5.36 -13.54
N GLY A 23 -0.31 4.53 -12.65
CA GLY A 23 -1.27 5.02 -11.69
C GLY A 23 -0.68 6.02 -10.72
N ASN A 24 0.44 5.66 -10.09
CA ASN A 24 1.08 6.56 -9.14
C ASN A 24 1.58 7.83 -9.83
N SER A 25 2.12 7.69 -11.05
CA SER A 25 2.56 8.88 -11.78
C SER A 25 1.38 9.79 -12.09
N PHE A 26 0.23 9.22 -12.45
CA PHE A 26 -0.95 10.02 -12.71
C PHE A 26 -1.38 10.77 -11.46
N ILE A 27 -1.41 10.07 -10.32
CA ILE A 27 -1.81 10.72 -9.06
C ILE A 27 -0.87 11.87 -8.74
N ALA A 28 0.43 11.61 -8.78
CA ALA A 28 1.40 12.65 -8.43
C ALA A 28 1.32 13.81 -9.42
N LEU A 29 1.19 13.51 -10.71
CA LEU A 29 1.17 14.56 -11.73
C LEU A 29 -0.06 15.42 -11.60
N VAL A 30 -1.23 14.83 -11.37
CA VAL A 30 -2.44 15.63 -11.24
C VAL A 30 -2.38 16.48 -9.98
N ASN A 31 -1.86 15.91 -8.88
CA ASN A 31 -1.73 16.71 -7.66
C ASN A 31 -0.77 17.89 -7.88
N CYS A 32 0.37 17.64 -8.52
CA CYS A 32 1.33 18.71 -8.77
C CYS A 32 0.76 19.76 -9.71
N ILE A 33 0.03 19.34 -10.74
CA ILE A 33 -0.58 20.28 -11.68
C ILE A 33 -1.59 21.17 -10.95
N ASP A 34 -2.45 20.57 -10.12
CA ASP A 34 -3.41 21.36 -9.37
C ASP A 34 -2.74 22.26 -8.35
N TRP A 35 -1.59 21.87 -7.83
CA TRP A 35 -0.84 22.76 -6.94
C TRP A 35 -0.27 23.94 -7.71
N VAL A 36 0.30 23.70 -8.89
CA VAL A 36 0.95 24.76 -9.64
C VAL A 36 -0.06 25.81 -10.09
N LYS A 37 -1.19 25.37 -10.63
CA LYS A 37 -2.22 26.29 -11.13
C LYS A 37 -3.24 26.56 -10.01
N GLY A 38 -2.79 27.32 -9.01
CA GLY A 38 -3.67 27.66 -7.91
C GLY A 38 -4.20 26.41 -7.26
N ARG A 39 -5.53 26.33 -7.14
CA ARG A 39 -6.21 25.13 -6.66
C ARG A 39 -5.60 24.65 -5.36
N LYS A 40 -5.80 25.44 -4.31
CA LYS A 40 -5.28 25.12 -2.99
C LYS A 40 -5.58 23.66 -2.64
N ILE A 41 -4.53 22.87 -2.42
CA ILE A 41 -4.70 21.44 -2.20
C ILE A 41 -5.14 21.19 -0.76
N SER A 42 -5.85 20.10 -0.56
CA SER A 42 -6.29 19.69 0.77
C SER A 42 -5.26 18.76 1.41
N SER A 43 -5.44 18.50 2.70
CA SER A 43 -4.54 17.59 3.40
C SER A 43 -4.60 16.20 2.80
N VAL A 44 -5.80 15.74 2.42
CA VAL A 44 -5.92 14.44 1.78
C VAL A 44 -5.11 14.40 0.49
N ASP A 45 -5.12 15.50 -0.26
CA ASP A 45 -4.31 15.56 -1.47
C ASP A 45 -2.83 15.43 -1.16
N ARG A 46 -2.36 16.11 -0.12
CA ARG A 46 -0.96 16.00 0.27
C ARG A 46 -0.60 14.56 0.64
N ILE A 47 -1.45 13.91 1.44
CA ILE A 47 -1.18 12.54 1.85
C ILE A 47 -1.17 11.63 0.62
N LEU A 48 -2.11 11.84 -0.30
CA LEU A 48 -2.17 11.00 -1.50
C LEU A 48 -0.92 11.16 -2.36
N THR A 49 -0.46 12.40 -2.55
CA THR A 49 0.74 12.58 -3.36
C THR A 49 1.98 12.01 -2.67
N ALA A 50 2.08 12.16 -1.35
CA ALA A 50 3.20 11.54 -0.63
C ALA A 50 3.16 10.03 -0.76
N LEU A 51 1.97 9.44 -0.66
CA LEU A 51 1.83 7.99 -0.83
C LEU A 51 2.24 7.58 -2.24
N ALA A 52 1.84 8.36 -3.25
CA ALA A 52 2.22 8.04 -4.62
C ALA A 52 3.73 8.10 -4.79
N ILE A 53 4.38 9.10 -4.18
CA ILE A 53 5.83 9.19 -4.26
C ILE A 53 6.47 7.96 -3.63
N SER A 54 5.99 7.56 -2.45
CA SER A 54 6.54 6.38 -1.80
C SER A 54 6.35 5.13 -2.65
N ARG A 55 5.17 5.00 -3.26
CA ARG A 55 4.89 3.81 -4.06
C ARG A 55 5.73 3.78 -5.34
N ILE A 56 5.95 4.92 -5.97
CA ILE A 56 6.83 4.93 -7.14
C ILE A 56 8.25 4.59 -6.73
N SER A 57 8.69 5.09 -5.57
CA SER A 57 10.03 4.71 -5.09
C SER A 57 10.12 3.20 -4.90
N LEU A 58 9.09 2.61 -4.28
CA LEU A 58 9.11 1.17 -4.02
C LEU A 58 9.10 0.37 -5.32
N VAL A 59 8.27 0.77 -6.28
CA VAL A 59 8.19 0.02 -7.54
C VAL A 59 9.50 0.15 -8.31
N TRP A 60 10.11 1.33 -8.31
CA TRP A 60 11.41 1.49 -8.96
C TRP A 60 12.46 0.61 -8.29
N LEU A 61 12.46 0.57 -6.95
CA LEU A 61 13.43 -0.28 -6.26
C LEU A 61 13.24 -1.74 -6.62
N ILE A 62 11.99 -2.22 -6.62
CA ILE A 62 11.73 -3.62 -6.92
C ILE A 62 12.09 -3.95 -8.36
N PHE A 63 11.77 -3.04 -9.30
CA PHE A 63 12.10 -3.30 -10.70
C PHE A 63 13.61 -3.29 -10.91
N GLY A 64 14.33 -2.41 -10.22
CA GLY A 64 15.77 -2.45 -10.28
C GLY A 64 16.33 -3.75 -9.72
N SER A 65 15.75 -4.23 -8.62
CA SER A 65 16.18 -5.51 -8.08
C SER A 65 15.96 -6.63 -9.10
N TRP A 66 14.81 -6.63 -9.77
CA TRP A 66 14.53 -7.63 -10.78
C TRP A 66 15.53 -7.53 -11.94
N CYS A 67 15.83 -6.32 -12.38
CA CYS A 67 16.80 -6.14 -13.47
C CYS A 67 18.17 -6.66 -13.08
N VAL A 68 18.60 -6.36 -11.84
CA VAL A 68 19.88 -6.88 -11.36
C VAL A 68 19.87 -8.40 -11.26
N SER A 69 18.74 -8.98 -10.86
CA SER A 69 18.64 -10.43 -10.81
C SER A 69 18.63 -11.06 -12.20
N VAL A 70 18.20 -10.33 -13.22
CA VAL A 70 18.17 -10.84 -14.59
C VAL A 70 19.52 -10.56 -15.25
N PHE A 71 19.88 -9.29 -15.36
CA PHE A 71 21.15 -8.91 -15.97
C PHE A 71 22.28 -9.08 -14.95
N PHE A 72 23.38 -9.67 -15.41
CA PHE A 72 24.52 -9.98 -14.56
C PHE A 72 24.08 -10.44 -13.16
N PRO A 73 23.44 -11.61 -13.05
CA PRO A 73 22.95 -12.06 -11.75
C PRO A 73 24.05 -12.29 -10.73
N ALA A 74 25.30 -12.43 -11.16
CA ALA A 74 26.39 -12.65 -10.21
C ALA A 74 26.42 -11.56 -9.14
N LEU A 75 26.12 -10.31 -9.53
CA LEU A 75 26.05 -9.23 -8.54
C LEU A 75 24.94 -9.49 -7.53
N PHE A 76 23.78 -9.98 -8.01
CA PHE A 76 22.66 -10.23 -7.12
C PHE A 76 22.99 -11.32 -6.10
N ALA A 77 23.84 -12.29 -6.47
CA ALA A 77 24.18 -13.37 -5.56
C ALA A 77 25.05 -12.90 -4.41
N THR A 78 25.65 -11.71 -4.50
CA THR A 78 26.52 -11.22 -3.44
C THR A 78 25.73 -10.93 -2.17
N GLU A 79 26.35 -11.22 -1.03
CA GLU A 79 25.69 -10.99 0.25
C GLU A 79 25.50 -9.50 0.52
N LYS A 80 26.45 -8.66 0.07
CA LYS A 80 26.35 -7.23 0.31
C LYS A 80 25.08 -6.66 -0.30
N MET A 81 24.77 -7.04 -1.54
CA MET A 81 23.51 -6.64 -2.15
C MET A 81 22.32 -7.24 -1.40
N PHE A 82 22.43 -8.52 -1.03
CA PHE A 82 21.34 -9.17 -0.30
C PHE A 82 20.97 -8.38 0.95
N ARG A 83 21.96 -7.75 1.58
CA ARG A 83 21.70 -7.00 2.80
C ARG A 83 21.22 -5.58 2.48
N MET A 84 21.95 -4.87 1.60
CA MET A 84 21.64 -3.47 1.34
C MET A 84 20.26 -3.31 0.69
N LEU A 85 19.97 -4.11 -0.33
CA LEU A 85 18.71 -3.98 -1.04
C LEU A 85 17.54 -4.28 -0.13
N THR A 86 17.64 -5.33 0.69
CA THR A 86 16.54 -5.64 1.60
C THR A 86 16.38 -4.57 2.66
N ASN A 87 17.48 -3.98 3.15
CA ASN A 87 17.35 -2.91 4.13
C ASN A 87 16.62 -1.70 3.54
N ILE A 88 17.04 -1.27 2.35
CA ILE A 88 16.38 -0.12 1.74
C ILE A 88 14.93 -0.45 1.42
N TRP A 89 14.65 -1.67 0.95
CA TRP A 89 13.28 -2.06 0.68
C TRP A 89 12.42 -2.00 1.92
N THR A 90 12.91 -2.55 3.04
CA THR A 90 12.10 -2.54 4.25
C THR A 90 11.87 -1.13 4.74
N VAL A 91 12.87 -0.26 4.66
CA VAL A 91 12.67 1.13 5.07
C VAL A 91 11.57 1.78 4.22
N ILE A 92 11.69 1.66 2.89
CA ILE A 92 10.72 2.32 2.02
C ILE A 92 9.33 1.73 2.20
N ASN A 93 9.22 0.42 2.30
CA ASN A 93 7.93 -0.24 2.44
C ASN A 93 7.27 0.09 3.77
N HIS A 94 8.06 0.15 4.86
CA HIS A 94 7.51 0.56 6.14
C HIS A 94 6.95 1.97 6.04
N PHE A 95 7.72 2.90 5.46
CA PHE A 95 7.22 4.26 5.34
C PHE A 95 5.95 4.32 4.51
N SER A 96 5.90 3.60 3.38
CA SER A 96 4.72 3.65 2.53
C SER A 96 3.50 3.05 3.24
N VAL A 97 3.68 1.91 3.89
CA VAL A 97 2.56 1.24 4.55
C VAL A 97 2.03 2.11 5.68
N TRP A 98 2.91 2.70 6.47
CA TRP A 98 2.44 3.54 7.57
C TRP A 98 1.87 4.87 7.07
N LEU A 99 2.31 5.37 5.92
CA LEU A 99 1.66 6.53 5.34
C LEU A 99 0.24 6.20 4.90
N ALA A 100 0.05 5.01 4.30
CA ALA A 100 -1.30 4.57 3.97
C ALA A 100 -2.16 4.42 5.22
N THR A 101 -1.57 3.87 6.30
CA THR A 101 -2.31 3.76 7.55
C THR A 101 -2.67 5.13 8.11
N GLY A 102 -1.77 6.10 7.94
CA GLY A 102 -2.08 7.46 8.36
C GLY A 102 -3.21 8.07 7.56
N LEU A 103 -3.24 7.80 6.25
CA LEU A 103 -4.37 8.24 5.43
C LEU A 103 -5.67 7.62 5.92
N GLY A 104 -5.64 6.33 6.24
CA GLY A 104 -6.82 5.67 6.77
C GLY A 104 -7.26 6.25 8.10
N THR A 105 -6.31 6.57 8.98
CA THR A 105 -6.64 7.20 10.26
C THR A 105 -7.24 8.57 10.03
N PHE A 106 -6.71 9.34 9.08
CA PHE A 106 -7.28 10.64 8.77
C PHE A 106 -8.73 10.49 8.31
N TYR A 107 -9.00 9.53 7.42
CA TYR A 107 -10.37 9.27 7.00
C TYR A 107 -11.25 8.94 8.21
N PHE A 108 -10.79 8.01 9.04
CA PHE A 108 -11.62 7.53 10.15
C PHE A 108 -11.94 8.67 11.11
N LEU A 109 -10.96 9.50 11.43
CA LEU A 109 -11.19 10.60 12.36
C LEU A 109 -12.08 11.67 11.72
N LYS A 110 -11.77 12.10 10.50
CA LYS A 110 -12.51 13.19 9.89
C LYS A 110 -13.97 12.82 9.68
N ILE A 111 -14.24 11.59 9.23
CA ILE A 111 -15.59 11.24 8.82
C ILE A 111 -16.40 10.65 9.96
N ALA A 112 -15.85 9.67 10.67
CA ALA A 112 -16.62 8.95 11.67
C ALA A 112 -16.93 9.84 12.87
N ASN A 113 -18.03 9.50 13.55
CA ASN A 113 -18.44 10.19 14.76
C ASN A 113 -18.83 9.18 15.82
N PHE A 114 -18.47 9.47 17.07
CA PHE A 114 -18.79 8.60 18.19
C PHE A 114 -18.98 9.45 19.44
N SER A 115 -19.60 8.85 20.45
CA SER A 115 -19.86 9.53 21.72
C SER A 115 -18.72 9.38 22.73
N ASN A 116 -17.71 8.58 22.43
CA ASN A 116 -16.61 8.37 23.36
C ASN A 116 -15.70 9.60 23.37
N SER A 117 -15.42 10.14 24.56
CA SER A 117 -14.67 11.38 24.67
C SER A 117 -13.28 11.24 24.07
N ILE A 118 -12.64 10.08 24.23
CA ILE A 118 -11.32 9.87 23.63
C ILE A 118 -11.41 10.04 22.12
N PHE A 119 -12.46 9.48 21.51
CA PHE A 119 -12.63 9.62 20.08
C PHE A 119 -12.81 11.08 19.69
N LEU A 120 -13.58 11.84 20.47
CA LEU A 120 -13.76 13.26 20.16
C LEU A 120 -12.43 14.01 20.24
N TYR A 121 -11.61 13.71 21.25
CA TYR A 121 -10.32 14.36 21.38
C TYR A 121 -9.44 14.05 20.18
N LEU A 122 -9.36 12.78 19.78
CA LEU A 122 -8.58 12.42 18.61
C LEU A 122 -9.16 13.06 17.35
N LYS A 123 -10.49 13.19 17.30
CA LYS A 123 -11.15 13.76 16.13
C LYS A 123 -10.78 15.22 15.95
N TRP A 124 -10.80 15.99 17.03
CA TRP A 124 -10.47 17.41 16.96
C TRP A 124 -8.97 17.67 17.02
N ARG A 125 -8.16 16.66 17.31
CA ARG A 125 -6.72 16.75 17.18
C ARG A 125 -6.18 15.89 16.02
N VAL A 126 -6.96 15.73 14.96
CA VAL A 126 -6.64 14.75 13.92
C VAL A 126 -5.30 15.07 13.27
N LYS A 127 -5.06 16.34 12.93
CA LYS A 127 -3.86 16.68 12.17
C LYS A 127 -2.59 16.37 12.95
N LYS A 128 -2.58 16.63 14.25
CA LYS A 128 -1.41 16.28 15.06
C LYS A 128 -1.37 14.78 15.33
N VAL A 129 -2.52 14.12 15.35
CA VAL A 129 -2.57 12.69 15.64
C VAL A 129 -1.85 11.91 14.54
N VAL A 130 -2.14 12.23 13.28
CA VAL A 130 -1.56 11.47 12.18
C VAL A 130 -0.05 11.71 12.09
N LEU A 131 0.39 12.95 12.28
CA LEU A 131 1.82 13.25 12.23
C LEU A 131 2.57 12.52 13.34
N VAL A 132 2.01 12.53 14.55
CA VAL A 132 2.65 11.82 15.66
C VAL A 132 2.66 10.32 15.39
N LEU A 133 1.57 9.79 14.83
CA LEU A 133 1.53 8.38 14.48
C LEU A 133 2.64 8.03 13.49
N LEU A 134 2.83 8.87 12.47
CA LEU A 134 3.92 8.64 11.53
C LEU A 134 5.27 8.71 12.20
N LEU A 135 5.47 9.69 13.09
CA LEU A 135 6.76 9.83 13.77
C LEU A 135 6.99 8.73 14.80
N VAL A 136 5.97 8.42 15.61
CA VAL A 136 6.14 7.42 16.65
C VAL A 136 6.36 6.02 16.08
N THR A 137 5.86 5.75 14.87
CA THR A 137 6.03 4.44 14.27
C THR A 137 7.46 4.15 13.85
N SER A 138 8.36 5.14 13.90
CA SER A 138 9.74 4.90 13.53
C SER A 138 10.40 3.85 14.42
N VAL A 139 9.89 3.66 15.64
CA VAL A 139 10.43 2.61 16.50
C VAL A 139 10.24 1.24 15.87
N PHE A 140 9.09 1.03 15.21
CA PHE A 140 8.88 -0.22 14.50
C PHE A 140 9.90 -0.41 13.38
N LEU A 141 10.20 0.67 12.66
CA LEU A 141 11.17 0.58 11.56
C LEU A 141 12.54 0.19 12.09
N PHE A 142 12.99 0.82 13.18
CA PHE A 142 14.30 0.50 13.73
C PHE A 142 14.37 -0.94 14.23
N LEU A 143 13.31 -1.39 14.92
CA LEU A 143 13.29 -2.77 15.39
C LEU A 143 13.29 -3.75 14.23
N ASN A 144 12.52 -3.46 13.17
CA ASN A 144 12.51 -4.33 12.00
C ASN A 144 13.89 -4.38 11.35
N ILE A 145 14.55 -3.23 11.23
CA ILE A 145 15.89 -3.18 10.65
C ILE A 145 16.84 -4.03 11.49
N ALA A 146 16.81 -3.85 12.81
CA ALA A 146 17.72 -4.60 13.67
C ALA A 146 17.46 -6.10 13.56
N LEU A 147 16.19 -6.50 13.58
CA LEU A 147 15.86 -7.92 13.53
C LEU A 147 16.28 -8.54 12.21
N ILE A 148 15.99 -7.87 11.09
CA ILE A 148 16.34 -8.42 9.78
C ILE A 148 17.87 -8.49 9.64
N ASN A 149 18.57 -7.45 10.09
CA ASN A 149 20.02 -7.46 9.99
C ASN A 149 20.64 -8.57 10.82
N ILE A 150 20.18 -8.74 12.07
CA ILE A 150 20.76 -9.80 12.90
C ILE A 150 20.42 -11.17 12.32
N HIS A 151 19.20 -11.34 11.78
CA HIS A 151 18.81 -12.62 11.22
C HIS A 151 19.67 -12.96 10.00
N ILE A 152 19.88 -12.00 9.11
CA ILE A 152 20.67 -12.26 7.92
C ILE A 152 22.14 -12.50 8.30
N ASN A 153 22.64 -11.76 9.30
CA ASN A 153 24.01 -11.97 9.75
C ASN A 153 24.18 -13.38 10.33
N ALA A 154 23.21 -13.83 11.12
CA ALA A 154 23.28 -15.19 11.67
C ALA A 154 23.20 -16.22 10.57
N SER A 155 22.33 -16.00 9.57
CA SER A 155 22.24 -16.94 8.46
C SER A 155 23.55 -17.02 7.69
N ILE A 156 24.18 -15.88 7.44
CA ILE A 156 25.45 -15.88 6.73
C ILE A 156 26.53 -16.58 7.55
N ASN A 157 26.56 -16.31 8.86
CA ASN A 157 27.54 -16.97 9.71
C ASN A 157 27.36 -18.48 9.71
N GLY A 158 26.11 -18.95 9.79
CA GLY A 158 25.86 -20.37 9.70
C GLY A 158 26.25 -20.95 8.35
N TYR A 159 26.00 -20.20 7.28
CA TYR A 159 26.38 -20.67 5.95
C TYR A 159 27.90 -20.82 5.83
N ARG A 160 28.64 -19.87 6.38
CA ARG A 160 30.10 -19.94 6.37
C ARG A 160 30.63 -20.39 7.72
N ARG A 174 18.55 -19.86 -0.66
CA ARG A 174 18.78 -18.99 0.50
C ARG A 174 17.80 -19.29 1.62
N PHE A 175 18.09 -18.76 2.81
CA PHE A 175 17.22 -18.91 3.97
C PHE A 175 16.22 -17.76 4.06
N SER A 176 15.48 -17.54 2.96
CA SER A 176 14.49 -16.48 2.92
C SER A 176 13.14 -16.92 3.49
N SER A 177 12.97 -18.21 3.78
CA SER A 177 11.69 -18.69 4.28
C SER A 177 11.29 -17.99 5.58
N LEU A 178 12.28 -17.55 6.36
CA LEU A 178 12.01 -16.88 7.63
C LEU A 178 12.11 -15.37 7.53
N ILE A 179 12.94 -14.84 6.63
CA ILE A 179 12.95 -13.39 6.41
C ILE A 179 11.62 -12.94 5.82
N VAL A 180 11.06 -13.72 4.89
CA VAL A 180 9.75 -13.38 4.35
C VAL A 180 8.68 -13.51 5.43
N LEU A 181 8.83 -14.49 6.33
CA LEU A 181 7.88 -14.61 7.43
C LEU A 181 7.93 -13.37 8.32
N THR A 182 9.13 -12.90 8.63
CA THR A 182 9.26 -11.68 9.44
C THR A 182 8.64 -10.49 8.73
N SER A 183 8.88 -10.36 7.42
CA SER A 183 8.30 -9.27 6.66
C SER A 183 6.77 -9.33 6.70
N THR A 184 6.21 -10.53 6.53
CA THR A 184 4.76 -10.68 6.60
C THR A 184 4.23 -10.32 7.98
N VAL A 185 4.93 -10.75 9.03
CA VAL A 185 4.49 -10.47 10.39
C VAL A 185 4.47 -8.96 10.64
N PHE A 186 5.52 -8.26 10.21
CA PHE A 186 5.60 -6.82 10.42
C PHE A 186 4.78 -6.02 9.41
N ILE A 187 4.27 -6.65 8.36
CA ILE A 187 3.34 -5.98 7.47
C ILE A 187 1.89 -6.14 7.93
N PHE A 188 1.56 -7.26 8.56
CA PHE A 188 0.20 -7.44 9.07
C PHE A 188 -0.14 -6.46 10.19
N ILE A 189 0.86 -5.96 10.92
CA ILE A 189 0.58 -5.10 12.07
C ILE A 189 -0.19 -3.85 11.67
N PRO A 190 0.25 -3.04 10.69
CA PRO A 190 -0.54 -1.87 10.30
C PRO A 190 -1.80 -2.24 9.54
N PHE A 191 -1.75 -3.36 8.81
CA PHE A 191 -2.91 -3.79 8.03
C PHE A 191 -4.08 -4.15 8.95
N THR A 192 -3.80 -4.81 10.08
CA THR A 192 -4.87 -5.13 11.01
C THR A 192 -5.53 -3.87 11.56
N LEU A 193 -4.72 -2.87 11.92
CA LEU A 193 -5.28 -1.61 12.43
C LEU A 193 -6.12 -0.93 11.36
N SER A 194 -5.63 -0.92 10.12
CA SER A 194 -6.40 -0.31 9.03
C SER A 194 -7.71 -1.04 8.81
N LEU A 195 -7.69 -2.37 8.84
CA LEU A 195 -8.92 -3.14 8.68
C LEU A 195 -9.90 -2.86 9.81
N ALA A 196 -9.41 -2.80 11.04
CA ALA A 196 -10.28 -2.51 12.17
C ALA A 196 -10.90 -1.12 12.03
N MET A 197 -10.10 -0.14 11.63
CA MET A 197 -10.62 1.22 11.46
C MET A 197 -11.65 1.27 10.33
N PHE A 198 -11.40 0.56 9.23
CA PHE A 198 -12.37 0.51 8.14
C PHE A 198 -13.69 -0.11 8.59
N LEU A 199 -13.61 -1.21 9.35
CA LEU A 199 -14.82 -1.83 9.87
C LEU A 199 -15.56 -0.90 10.81
N LEU A 200 -14.82 -0.19 11.66
CA LEU A 200 -15.46 0.75 12.58
C LEU A 200 -16.17 1.87 11.81
N LEU A 201 -15.52 2.40 10.76
CA LEU A 201 -16.16 3.44 9.96
C LEU A 201 -17.40 2.91 9.25
N ILE A 202 -17.34 1.68 8.73
CA ILE A 202 -18.51 1.09 8.10
C ILE A 202 -19.64 0.93 9.10
N PHE A 203 -19.33 0.49 10.32
CA PHE A 203 -20.34 0.38 11.35
C PHE A 203 -20.94 1.74 11.67
N SER A 204 -20.10 2.76 11.78
CA SER A 204 -20.60 4.11 12.08
C SER A 204 -21.53 4.60 10.97
N MET A 205 -21.15 4.40 9.71
CA MET A 205 -21.99 4.83 8.60
C MET A 205 -23.31 4.07 8.60
N TRP A 206 -23.27 2.76 8.83
CA TRP A 206 -24.50 1.98 8.84
C TRP A 206 -25.42 2.43 9.96
N LYS A 207 -24.87 2.67 11.15
CA LYS A 207 -25.70 3.15 12.26
C LYS A 207 -26.28 4.52 11.94
N HIS A 208 -25.47 5.41 11.36
CA HIS A 208 -25.96 6.74 11.03
C HIS A 208 -27.10 6.67 10.02
N ARG A 209 -26.97 5.82 9.00
CA ARG A 209 -28.02 5.73 8.00
C ARG A 209 -29.27 5.03 8.55
N LYS A 210 -29.10 4.04 9.42
CA LYS A 210 -30.24 3.42 10.07
C LYS A 210 -31.00 4.43 10.91
N LYS A 211 -30.28 5.25 11.68
CA LYS A 211 -30.93 6.28 12.49
C LYS A 211 -31.55 7.36 11.62
N MET A 212 -30.95 7.63 10.46
CA MET A 212 -31.48 8.65 9.56
C MET A 212 -32.73 8.17 8.82
N GLN A 213 -32.86 6.87 8.56
CA GLN A 213 -33.98 6.35 7.81
C GLN A 213 -35.24 6.18 8.65
N HIS A 214 -35.12 6.26 9.98
CA HIS A 214 -36.26 6.05 10.85
C HIS A 214 -36.97 7.37 11.16
N THR A 215 -36.24 8.33 11.73
CA THR A 215 -36.84 9.60 12.12
C THR A 215 -36.97 10.55 10.93
N VAL A 216 -35.87 10.77 10.23
CA VAL A 216 -35.87 11.68 9.09
C VAL A 216 -36.37 10.96 7.85
N LYS A 217 -37.21 11.64 7.07
CA LYS A 217 -37.74 11.06 5.86
C LYS A 217 -36.64 10.94 4.79
N ILE A 218 -36.88 10.07 3.82
CA ILE A 218 -35.91 9.85 2.75
C ILE A 218 -35.63 11.10 1.94
N SER A 219 -36.54 12.08 1.95
CA SER A 219 -36.35 13.30 1.19
C SER A 219 -35.19 14.14 1.70
N GLY A 220 -34.68 13.86 2.90
CA GLY A 220 -33.56 14.61 3.44
C GLY A 220 -32.33 14.55 2.56
N HIS A 227 -24.24 8.71 5.00
CA HIS A 227 -23.53 7.50 4.61
C HIS A 227 -23.57 7.30 3.11
N ARG A 228 -23.38 8.39 2.35
CA ARG A 228 -23.38 8.31 0.91
C ARG A 228 -22.09 7.69 0.37
N GLY A 229 -21.09 7.48 1.22
CA GLY A 229 -19.82 6.93 0.79
C GLY A 229 -19.83 5.44 0.55
N VAL A 230 -20.95 4.76 0.80
CA VAL A 230 -21.03 3.32 0.58
C VAL A 230 -20.80 2.98 -0.89
N LYS A 231 -21.02 3.93 -1.80
CA LYS A 231 -20.78 3.66 -3.21
C LYS A 231 -19.32 3.31 -3.48
N SER A 232 -18.40 3.94 -2.76
CA SER A 232 -16.97 3.65 -2.93
C SER A 232 -16.48 2.59 -1.97
N VAL A 233 -17.29 2.18 -0.99
CA VAL A 233 -16.88 1.15 -0.04
C VAL A 233 -16.70 -0.19 -0.74
N ILE A 234 -17.47 -0.44 -1.81
CA ILE A 234 -17.44 -1.75 -2.46
C ILE A 234 -16.05 -2.04 -3.02
N THR A 235 -15.43 -1.05 -3.67
CA THR A 235 -14.13 -1.29 -4.30
C THR A 235 -13.04 -1.53 -3.27
N PHE A 236 -13.10 -0.84 -2.12
CA PHE A 236 -12.09 -1.07 -1.09
C PHE A 236 -12.25 -2.44 -0.45
N PHE A 237 -13.50 -2.91 -0.31
CA PHE A 237 -13.72 -4.27 0.19
C PHE A 237 -13.11 -5.30 -0.76
N LEU A 238 -13.28 -5.09 -2.07
CA LEU A 238 -12.70 -6.01 -3.06
C LEU A 238 -11.18 -6.03 -2.94
N LEU A 239 -10.56 -4.84 -2.85
CA LEU A 239 -9.11 -4.77 -2.72
C LEU A 239 -8.64 -5.45 -1.45
N TYR A 240 -9.32 -5.19 -0.33
CA TYR A 240 -8.95 -5.84 0.92
C TYR A 240 -9.05 -7.35 0.80
N ALA A 241 -10.13 -7.85 0.22
CA ALA A 241 -10.30 -9.30 0.09
C ALA A 241 -9.19 -9.90 -0.77
N ILE A 242 -8.92 -9.29 -1.92
CA ILE A 242 -7.91 -9.84 -2.82
C ILE A 242 -6.53 -9.83 -2.17
N PHE A 243 -6.14 -8.70 -1.58
CA PHE A 243 -4.83 -8.60 -0.97
C PHE A 243 -4.70 -9.55 0.22
N SER A 244 -5.76 -9.67 1.02
CA SER A 244 -5.73 -10.59 2.15
C SER A 244 -5.60 -12.04 1.69
N LEU A 245 -6.32 -12.43 0.64
CA LEU A 245 -6.19 -13.78 0.12
C LEU A 245 -4.77 -14.04 -0.38
N SER A 246 -4.20 -13.07 -1.10
CA SER A 246 -2.84 -13.23 -1.58
C SER A 246 -1.86 -13.38 -0.42
N PHE A 247 -2.02 -12.56 0.62
CA PHE A 247 -1.13 -12.66 1.78
C PHE A 247 -1.31 -13.96 2.52
N PHE A 248 -2.55 -14.46 2.63
CA PHE A 248 -2.77 -15.77 3.25
C PHE A 248 -2.07 -16.86 2.46
N ILE A 249 -2.14 -16.79 1.13
CA ILE A 249 -1.42 -17.76 0.31
C ILE A 249 0.08 -17.62 0.51
N SER A 250 0.55 -16.39 0.79
CA SER A 250 1.97 -16.14 0.92
C SER A 250 2.60 -16.98 2.03
N VAL A 251 2.02 -16.93 3.23
CA VAL A 251 2.60 -17.64 4.37
C VAL A 251 2.58 -19.14 4.11
N TRP A 252 1.50 -19.65 3.54
CA TRP A 252 1.43 -21.07 3.23
C TRP A 252 2.52 -21.47 2.23
N THR A 253 2.71 -20.66 1.19
CA THR A 253 3.71 -20.96 0.17
C THR A 253 5.13 -20.79 0.67
N SER A 254 5.35 -20.00 1.72
CA SER A 254 6.70 -19.79 2.21
C SER A 254 7.35 -21.05 2.74
N GLU A 255 6.56 -22.05 3.14
CA GLU A 255 7.11 -23.28 3.72
C GLU A 255 6.47 -24.52 3.12
N ARG A 256 5.34 -24.36 2.42
CA ARG A 256 4.59 -25.53 1.96
C ARG A 256 5.31 -26.29 0.85
N LEU A 257 5.82 -25.61 -0.16
CA LEU A 257 6.33 -26.30 -1.34
C LEU A 257 7.26 -25.39 -2.12
N GLU A 258 7.98 -26.00 -3.07
CA GLU A 258 8.80 -25.26 -4.02
C GLU A 258 9.93 -24.50 -3.34
N GLU A 259 10.86 -23.98 -4.14
CA GLU A 259 11.95 -23.17 -3.61
C GLU A 259 12.26 -21.94 -4.45
N ASN A 260 11.57 -21.73 -5.58
CA ASN A 260 11.79 -20.55 -6.40
C ASN A 260 11.02 -19.37 -5.83
N LEU A 261 11.36 -18.99 -4.59
CA LEU A 261 10.61 -17.94 -3.91
C LEU A 261 11.06 -16.54 -4.29
N ILE A 262 12.21 -16.40 -4.94
CA ILE A 262 12.75 -15.07 -5.24
C ILE A 262 11.80 -14.32 -6.16
N ILE A 263 11.42 -14.95 -7.29
CA ILE A 263 10.52 -14.29 -8.23
C ILE A 263 9.11 -14.19 -7.64
N LEU A 264 8.68 -15.24 -6.93
CA LEU A 264 7.36 -15.21 -6.32
C LEU A 264 7.25 -14.05 -5.33
N SER A 265 8.24 -13.92 -4.45
CA SER A 265 8.23 -12.80 -3.49
C SER A 265 8.35 -11.46 -4.22
N GLN A 266 9.20 -11.40 -5.24
CA GLN A 266 9.40 -10.14 -5.95
C GLN A 266 8.11 -9.65 -6.61
N VAL A 267 7.30 -10.57 -7.13
CA VAL A 267 6.03 -10.16 -7.72
C VAL A 267 4.98 -9.90 -6.64
N MET A 268 4.98 -10.72 -5.59
CA MET A 268 3.95 -10.60 -4.56
C MET A 268 4.07 -9.29 -3.80
N GLY A 269 5.29 -8.86 -3.50
CA GLY A 269 5.47 -7.65 -2.72
C GLY A 269 5.10 -6.37 -3.45
N MET A 270 4.89 -6.43 -4.76
CA MET A 270 4.56 -5.25 -5.55
C MET A 270 3.07 -5.13 -5.85
N ALA A 271 2.25 -6.07 -5.37
CA ALA A 271 0.82 -6.01 -5.67
C ALA A 271 0.16 -4.81 -4.99
N TYR A 272 0.44 -4.61 -3.70
CA TYR A 272 -0.25 -3.56 -2.96
C TYR A 272 0.01 -2.18 -3.54
N PRO A 273 1.26 -1.74 -3.71
CA PRO A 273 1.49 -0.39 -4.28
C PRO A 273 1.12 -0.29 -5.75
N SER A 274 0.97 -1.41 -6.47
CA SER A 274 0.64 -1.37 -7.88
C SER A 274 -0.87 -1.32 -8.13
N CYS A 275 -1.67 -1.91 -7.25
CA CYS A 275 -3.11 -1.97 -7.44
C CYS A 275 -3.89 -1.06 -6.50
N HIS A 276 -3.40 -0.84 -5.27
CA HIS A 276 -4.14 -0.01 -4.33
C HIS A 276 -4.29 1.41 -4.83
N SER A 277 -3.33 1.90 -5.64
CA SER A 277 -3.42 3.26 -6.15
C SER A 277 -4.63 3.43 -7.07
N CYS A 278 -4.91 2.45 -7.92
CA CYS A 278 -6.08 2.54 -8.77
C CYS A 278 -7.36 2.60 -7.95
N VAL A 279 -7.39 1.86 -6.84
CA VAL A 279 -8.55 1.93 -5.93
C VAL A 279 -8.72 3.35 -5.41
N LEU A 280 -7.62 3.99 -5.03
CA LEU A 280 -7.69 5.38 -4.59
C LEU A 280 -8.20 6.28 -5.71
N ILE A 281 -7.77 6.00 -6.95
CA ILE A 281 -8.20 6.83 -8.08
C ILE A 281 -9.71 6.78 -8.24
N LEU A 282 -10.28 5.56 -8.19
CA LEU A 282 -11.73 5.44 -8.32
C LEU A 282 -12.46 5.91 -7.07
N GLY A 283 -11.89 5.67 -5.89
CA GLY A 283 -12.58 6.03 -4.67
C GLY A 283 -12.59 7.51 -4.39
N ASN A 284 -11.68 8.26 -5.02
CA ASN A 284 -11.56 9.70 -4.81
C ASN A 284 -12.27 10.44 -5.91
N LYS A 285 -13.11 11.42 -5.53
CA LYS A 285 -13.85 12.20 -6.52
C LYS A 285 -12.90 12.96 -7.44
N LYS A 286 -11.87 13.59 -6.86
CA LYS A 286 -10.93 14.36 -7.67
C LYS A 286 -10.21 13.48 -8.67
N LEU A 287 -9.67 12.34 -8.19
CA LEU A 287 -8.95 11.44 -9.08
C LEU A 287 -9.87 10.80 -10.10
N ARG A 288 -11.10 10.46 -9.71
CA ARG A 288 -12.05 9.89 -10.65
C ARG A 288 -12.38 10.89 -11.75
N GLN A 289 -12.61 12.15 -11.39
CA GLN A 289 -12.88 13.17 -12.39
C GLN A 289 -11.67 13.37 -13.30
N ALA A 290 -10.46 13.34 -12.74
CA ALA A 290 -9.27 13.47 -13.56
C ALA A 290 -9.15 12.30 -14.55
N SER A 291 -9.44 11.08 -14.09
CA SER A 291 -9.38 9.92 -14.98
C SER A 291 -10.41 10.04 -16.10
N LEU A 292 -11.63 10.45 -15.76
CA LEU A 292 -12.64 10.63 -16.80
C LEU A 292 -12.24 11.72 -17.79
N SER A 293 -11.66 12.81 -17.29
CA SER A 293 -11.19 13.87 -18.19
C SER A 293 -10.10 13.35 -19.11
N VAL A 294 -9.19 12.54 -18.58
CA VAL A 294 -8.13 11.96 -19.42
C VAL A 294 -8.74 11.07 -20.49
N LEU A 295 -9.71 10.23 -20.11
CA LEU A 295 -10.35 9.34 -21.09
C LEU A 295 -11.03 10.14 -22.19
N LEU A 296 -11.79 11.16 -21.80
CA LEU A 296 -12.50 11.97 -22.80
C LEU A 296 -11.53 12.79 -23.64
N TRP A 297 -10.40 13.24 -23.09
CA TRP A 297 -9.40 13.92 -23.89
C TRP A 297 -8.77 12.98 -24.90
N LEU A 298 -8.49 11.74 -24.48
CA LEU A 298 -7.99 10.75 -25.42
C LEU A 298 -8.97 10.52 -26.55
N ARG A 299 -10.26 10.43 -26.21
CA ARG A 299 -11.28 10.27 -27.26
C ARG A 299 -11.27 11.47 -28.20
N TYR A 300 -11.23 12.68 -27.65
CA TYR A 300 -11.31 13.88 -28.47
C TYR A 300 -10.11 14.01 -29.40
N MET A 301 -8.91 13.78 -28.88
CA MET A 301 -7.72 13.89 -29.72
C MET A 301 -7.71 12.86 -30.84
N PHE A 302 -8.49 11.79 -30.70
CA PHE A 302 -8.66 10.81 -31.77
C PHE A 302 -9.63 11.33 -32.82
N LYS A 303 -9.09 11.88 -33.91
CA LYS A 303 -9.92 12.44 -34.98
C LYS A 303 -9.06 12.86 -36.15
C10 A1AEI B . -11.77 4.54 2.27
C13 A1AEI B . -9.63 3.53 5.10
C20 A1AEI B . -10.52 4.14 7.24
C21 A1AEI B . -11.75 4.40 6.65
C22 A1AEI B . -11.91 4.22 5.29
C01 A1AEI B . -11.01 6.95 -0.42
C02 A1AEI B . -11.77 6.12 0.61
C03 A1AEI B . -13.15 6.26 0.75
C04 A1AEI B . -13.79 5.47 1.69
C05 A1AEI B . -15.30 5.59 1.87
C12 A1AEI B . -10.86 3.79 4.51
C14 A1AEI B . -8.45 3.05 4.25
C19 A1AEI B . -9.46 3.71 6.47
F06 A1AEI B . -15.73 6.78 1.35
F07 A1AEI B . -15.91 4.57 1.22
F08 A1AEI B . -15.62 5.54 3.20
N09 A1AEI B . -13.08 4.63 2.43
N11 A1AEI B . -11.02 3.60 3.08
N15 A1AEI B . -8.16 3.44 2.98
N16 A1AEI B . -7.05 2.78 2.59
N17 A1AEI B . -6.64 2.01 3.57
N18 A1AEI B . -7.49 2.16 4.61
N23 A1AEI B . -11.13 5.26 1.37
C10 A1AEI C . 13.04 -7.95 -1.66
C13 A1AEI C . 11.29 -10.01 0.15
C20 A1AEI C . 8.92 -10.42 0.19
C21 A1AEI C . 8.70 -9.12 -0.23
C22 A1AEI C . 9.77 -8.27 -0.45
C01 A1AEI C . 12.84 -7.39 -5.30
C02 A1AEI C . 13.37 -7.76 -3.91
C03 A1AEI C . 14.67 -8.24 -3.77
C04 A1AEI C . 15.09 -8.57 -2.49
C05 A1AEI C . 16.51 -9.10 -2.25
C12 A1AEI C . 11.06 -8.71 -0.26
C14 A1AEI C . 12.72 -10.51 0.36
C19 A1AEI C . 10.22 -10.86 0.38
F06 A1AEI C . 16.98 -8.62 -1.06
F07 A1AEI C . 16.46 -10.47 -2.21
F08 A1AEI C . 17.33 -8.70 -3.26
N09 A1AEI C . 14.26 -8.41 -1.47
N11 A1AEI C . 12.17 -7.81 -0.50
N15 A1AEI C . 13.30 -11.58 -0.26
N16 A1AEI C . 14.56 -11.68 0.20
N17 A1AEI C . 14.78 -10.73 1.07
N18 A1AEI C . 13.66 -9.99 1.18
N23 A1AEI C . 12.59 -7.63 -2.85
#